data_2Z0A
#
_entry.id   2Z0A
#
_cell.length_a   37.723
_cell.length_b   54.378
_cell.length_c   66.347
_cell.angle_alpha   90.00
_cell.angle_beta   100.57
_cell.angle_gamma   90.00
#
_symmetry.space_group_name_H-M   'P 1 21 1'
#
loop_
_entity.id
_entity.type
_entity.pdbx_description
1 polymer 'Nonstructural protein 1'
2 non-polymer GLYCINE
3 non-polymer 'SUCCINIC ACID'
4 water water
#
_entity_poly.entity_id   1
_entity_poly.type   'polypeptide(L)'
_entity_poly.pdbx_seq_one_letter_code
;GSSGSSGMDPNTVSSFQVDCFLWHVRKRLADQELGDAPFLDRLRRDQKSLRGRGNTLGLDIETATRAGKQIVERILEEE
;
_entity_poly.pdbx_strand_id   A,B,C,D
#
loop_
_chem_comp.id
_chem_comp.type
_chem_comp.name
_chem_comp.formula
SIN non-polymer 'SUCCINIC ACID' 'C4 H6 O4'
#
# COMPACT_ATOMS: atom_id res chain seq x y z
N MET A 8 10.22 4.69 18.14
CA MET A 8 9.05 3.77 18.02
C MET A 8 8.34 4.00 16.69
N ASP A 9 8.38 2.98 15.83
CA ASP A 9 7.69 3.02 14.55
C ASP A 9 6.18 3.09 14.81
N PRO A 10 5.53 4.19 14.40
CA PRO A 10 4.09 4.33 14.63
C PRO A 10 3.30 3.17 14.02
N ASN A 11 3.84 2.57 12.96
CA ASN A 11 3.20 1.42 12.35
C ASN A 11 3.19 0.17 13.24
N THR A 12 4.17 0.06 14.14
CA THR A 12 4.18 -1.06 15.09
C THR A 12 2.98 -0.98 16.05
N VAL A 13 2.64 0.24 16.48
CA VAL A 13 1.47 0.45 17.33
C VAL A 13 0.17 0.12 16.59
N SER A 14 -0.01 0.71 15.41
CA SER A 14 -1.21 0.48 14.59
C SER A 14 -1.38 -1.00 14.23
N SER A 15 -0.27 -1.67 13.89
CA SER A 15 -0.28 -3.10 13.62
C SER A 15 -0.75 -3.92 14.81
N PHE A 16 -0.25 -3.58 16.00
CA PHE A 16 -0.67 -4.25 17.22
C PHE A 16 -2.16 -4.03 17.50
N GLN A 17 -2.61 -2.78 17.39
CA GLN A 17 -4.00 -2.45 17.66
C GLN A 17 -4.92 -3.22 16.70
N VAL A 18 -4.59 -3.22 15.42
CA VAL A 18 -5.34 -4.01 14.42
C VAL A 18 -5.37 -5.51 14.74
N ASP A 19 -4.21 -6.08 15.06
CA ASP A 19 -4.12 -7.51 15.40
C ASP A 19 -4.96 -7.88 16.64
N CYS A 20 -4.98 -6.99 17.63
CA CYS A 20 -5.80 -7.18 18.84
C CYS A 20 -7.29 -7.21 18.51
N PHE A 21 -7.74 -6.29 17.64
CA PHE A 21 -9.17 -6.31 17.26
C PHE A 21 -9.56 -7.50 16.41
N LEU A 22 -8.70 -7.85 15.45
CA LEU A 22 -8.93 -9.02 14.61
C LEU A 22 -8.96 -10.29 15.47
N TRP A 23 -8.15 -10.32 16.52
CA TRP A 23 -8.22 -11.43 17.49
C TRP A 23 -9.62 -11.50 18.13
N HIS A 24 -10.17 -10.35 18.52
CA HIS A 24 -11.53 -10.30 19.07
C HIS A 24 -12.57 -10.82 18.08
N VAL A 25 -12.44 -10.43 16.81
CA VAL A 25 -13.36 -10.92 15.77
C VAL A 25 -13.31 -12.45 15.72
N ARG A 26 -12.10 -13.00 15.75
CA ARG A 26 -11.91 -14.45 15.67
C ARG A 26 -12.44 -15.16 16.92
N LYS A 27 -12.23 -14.55 18.09
CA LYS A 27 -12.81 -15.02 19.35
C LYS A 27 -14.34 -15.06 19.28
N ARG A 28 -14.95 -14.03 18.68
CA ARG A 28 -16.39 -14.02 18.42
C ARG A 28 -16.85 -15.20 17.55
N LEU A 29 -16.05 -15.56 16.55
CA LEU A 29 -16.35 -16.74 15.73
C LEU A 29 -16.33 -18.00 16.59
N ALA A 30 -15.33 -18.09 17.49
CA ALA A 30 -15.21 -19.22 18.40
C ALA A 30 -16.37 -19.30 19.40
N ASP A 31 -16.76 -18.15 19.94
CA ASP A 31 -17.93 -18.05 20.83
C ASP A 31 -19.19 -18.56 20.14
N GLN A 32 -19.31 -18.30 18.84
CA GLN A 32 -20.45 -18.76 18.04
C GLN A 32 -20.30 -20.21 17.53
N GLU A 33 -19.26 -20.90 18.01
CA GLU A 33 -18.99 -22.30 17.67
C GLU A 33 -18.87 -22.52 16.15
N LEU A 34 -18.19 -21.59 15.49
CA LEU A 34 -17.96 -21.67 14.04
C LEU A 34 -16.47 -21.84 13.69
N GLY A 35 -15.60 -21.95 14.69
CA GLY A 35 -14.18 -22.19 14.46
C GLY A 35 -13.86 -23.68 14.46
N ASP A 36 -13.09 -24.13 13.47
CA ASP A 36 -12.66 -25.53 13.48
C ASP A 36 -11.43 -25.69 14.39
N ALA A 37 -10.94 -26.93 14.56
CA ALA A 37 -9.90 -27.20 15.56
C ALA A 37 -8.60 -26.40 15.34
N PRO A 38 -8.06 -26.40 14.10
CA PRO A 38 -6.89 -25.54 13.84
C PRO A 38 -7.14 -24.06 14.07
N PHE A 39 -8.33 -23.57 13.70
CA PHE A 39 -8.71 -22.16 13.93
C PHE A 39 -8.61 -21.82 15.42
N LEU A 40 -9.10 -22.72 16.25
CA LEU A 40 -9.06 -22.54 17.70
C LEU A 40 -7.65 -22.59 18.28
N ASP A 41 -6.78 -23.41 17.69
CA ASP A 41 -5.38 -23.44 18.13
C ASP A 41 -4.64 -22.16 17.78
N ARG A 42 -4.88 -21.63 16.58
CA ARG A 42 -4.31 -20.35 16.19
C ARG A 42 -4.78 -19.25 17.14
N LEU A 43 -6.07 -19.28 17.48
CA LEU A 43 -6.62 -18.33 18.45
C LEU A 43 -5.89 -18.35 19.80
N ARG A 44 -5.71 -19.54 20.40
CA ARG A 44 -4.99 -19.65 21.67
C ARG A 44 -3.54 -19.18 21.55
N ARG A 45 -2.83 -19.67 20.53
CA ARG A 45 -1.42 -19.34 20.34
C ARG A 45 -1.22 -17.83 20.11
N ASP A 46 -2.09 -17.24 19.28
CA ASP A 46 -2.02 -15.80 18.99
C ASP A 46 -2.31 -14.94 20.21
N GLN A 47 -3.14 -15.41 21.14
CA GLN A 47 -3.42 -14.66 22.36
C GLN A 47 -2.13 -14.50 23.15
N LYS A 48 -1.35 -15.57 23.23
CA LYS A 48 -0.06 -15.55 23.95
C LYS A 48 0.91 -14.61 23.24
N SER A 49 0.93 -14.69 21.91
CA SER A 49 1.77 -13.82 21.09
C SER A 49 1.44 -12.34 21.28
N LEU A 50 0.14 -12.02 21.29
CA LEU A 50 -0.30 -10.63 21.51
C LEU A 50 0.05 -10.14 22.90
N ARG A 51 -0.06 -11.02 23.89
CA ARG A 51 0.35 -10.70 25.27
C ARG A 51 1.83 -10.31 25.33
N GLY A 52 2.67 -11.08 24.64
CA GLY A 52 4.09 -10.79 24.53
C GLY A 52 4.36 -9.46 23.88
N ARG A 53 3.65 -9.19 22.78
CA ARG A 53 3.82 -7.94 22.03
C ARG A 53 3.39 -6.72 22.85
N GLY A 54 2.26 -6.88 23.55
CA GLY A 54 1.74 -5.83 24.42
C GLY A 54 2.69 -5.49 25.54
N ASN A 55 3.29 -6.52 26.13
CA ASN A 55 4.33 -6.35 27.16
C ASN A 55 5.50 -5.52 26.65
N THR A 56 5.98 -5.85 25.46
CA THR A 56 7.10 -5.15 24.84
C THR A 56 6.74 -3.69 24.57
N LEU A 57 5.54 -3.48 24.04
CA LEU A 57 5.10 -2.16 23.62
C LEU A 57 4.59 -1.27 24.76
N GLY A 58 4.35 -1.87 25.92
CA GLY A 58 3.79 -1.15 27.07
C GLY A 58 2.35 -0.78 26.81
N LEU A 59 1.64 -1.65 26.10
CA LEU A 59 0.26 -1.40 25.70
C LEU A 59 -0.69 -2.46 26.25
N ASP A 60 -1.73 -1.99 26.90
CA ASP A 60 -2.80 -2.82 27.43
C ASP A 60 -3.54 -3.47 26.26
N ILE A 61 -3.79 -4.77 26.33
CA ILE A 61 -4.46 -5.47 25.24
C ILE A 61 -5.88 -4.97 25.02
N GLU A 62 -6.64 -4.80 26.11
CA GLU A 62 -8.02 -4.34 26.00
C GLU A 62 -8.12 -2.93 25.39
N THR A 63 -7.22 -2.04 25.83
CA THR A 63 -7.14 -0.69 25.30
C THR A 63 -6.75 -0.69 23.82
N ALA A 64 -5.76 -1.52 23.47
CA ALA A 64 -5.34 -1.67 22.08
C ALA A 64 -6.44 -2.26 21.19
N THR A 65 -7.24 -3.16 21.75
CA THR A 65 -8.35 -3.79 21.02
C THR A 65 -9.37 -2.72 20.62
N ARG A 66 -9.71 -1.84 21.56
CA ARG A 66 -10.63 -0.74 21.31
C ARG A 66 -10.10 0.20 20.22
N ALA A 67 -8.81 0.53 20.28
CA ALA A 67 -8.16 1.33 19.22
C ALA A 67 -8.19 0.63 17.86
N GLY A 68 -7.93 -0.68 17.85
CA GLY A 68 -8.00 -1.49 16.65
C GLY A 68 -9.41 -1.51 16.06
N LYS A 69 -10.40 -1.52 16.95
CA LYS A 69 -11.79 -1.48 16.51
C LYS A 69 -12.08 -0.25 15.65
N GLN A 70 -11.56 0.90 16.07
CA GLN A 70 -11.81 2.14 15.33
C GLN A 70 -11.13 2.12 13.97
N ILE A 71 -9.92 1.56 13.92
CA ILE A 71 -9.17 1.43 12.68
C ILE A 71 -9.89 0.47 11.73
N VAL A 72 -10.27 -0.70 12.22
CA VAL A 72 -10.91 -1.71 11.39
C VAL A 72 -12.31 -1.31 10.97
N GLU A 73 -13.03 -0.64 11.86
CA GLU A 73 -14.39 -0.12 11.58
C GLU A 73 -14.41 0.73 10.30
N ARG A 74 -13.39 1.57 10.13
CA ARG A 74 -13.29 2.43 8.93
C ARG A 74 -13.03 1.64 7.65
N ILE A 75 -12.36 0.50 7.77
CA ILE A 75 -12.20 -0.41 6.63
C ILE A 75 -13.54 -1.07 6.32
N LEU A 76 -14.18 -1.61 7.36
CA LEU A 76 -15.41 -2.38 7.21
C LEU A 76 -16.54 -1.56 6.61
N GLU A 77 -16.66 -0.30 7.05
CA GLU A 77 -17.70 0.60 6.55
C GLU A 77 -17.51 0.96 5.06
N GLU A 78 -16.29 0.78 4.54
CA GLU A 78 -16.03 1.04 3.10
C GLU A 78 -16.10 -0.22 2.23
N GLU A 79 -16.45 -1.35 2.83
CA GLU A 79 -16.49 -2.62 2.10
C GLU A 79 -17.69 -2.77 1.17
N ASP B 9 -16.03 -31.08 8.01
CA ASP B 9 -16.54 -30.18 9.09
C ASP B 9 -16.95 -28.84 8.47
N PRO B 10 -18.23 -28.44 8.62
CA PRO B 10 -18.70 -27.11 8.20
C PRO B 10 -17.95 -25.95 8.85
N ASN B 11 -17.40 -26.14 10.04
CA ASN B 11 -16.59 -25.09 10.68
C ASN B 11 -15.29 -24.84 9.92
N THR B 12 -14.80 -25.85 9.22
CA THR B 12 -13.61 -25.68 8.39
C THR B 12 -13.88 -24.66 7.27
N VAL B 13 -15.07 -24.76 6.66
CA VAL B 13 -15.48 -23.82 5.62
C VAL B 13 -15.66 -22.42 6.20
N SER B 14 -16.42 -22.30 7.29
CA SER B 14 -16.60 -20.99 7.94
C SER B 14 -15.28 -20.36 8.39
N SER B 15 -14.40 -21.17 8.96
CA SER B 15 -13.09 -20.68 9.41
C SER B 15 -12.26 -20.12 8.25
N PHE B 16 -12.28 -20.83 7.12
CA PHE B 16 -11.58 -20.41 5.89
C PHE B 16 -12.14 -19.12 5.32
N GLN B 17 -13.46 -19.03 5.26
CA GLN B 17 -14.14 -17.82 4.78
C GLN B 17 -13.77 -16.61 5.65
N VAL B 18 -13.86 -16.76 6.98
CA VAL B 18 -13.50 -15.67 7.90
C VAL B 18 -12.03 -15.29 7.75
N ASP B 19 -11.15 -16.30 7.68
CA ASP B 19 -9.70 -16.06 7.55
C ASP B 19 -9.39 -15.30 6.25
N CYS B 20 -10.09 -15.65 5.16
CA CYS B 20 -9.92 -14.95 3.88
C CYS B 20 -10.32 -13.49 4.00
N PHE B 21 -11.49 -13.24 4.58
CA PHE B 21 -11.94 -11.85 4.72
C PHE B 21 -11.01 -11.05 5.64
N LEU B 22 -10.62 -11.64 6.77
CA LEU B 22 -9.71 -10.93 7.68
C LEU B 22 -8.36 -10.66 7.03
N TRP B 23 -7.89 -11.58 6.18
CA TRP B 23 -6.68 -11.31 5.41
C TRP B 23 -6.89 -10.09 4.52
N HIS B 24 -8.07 -9.99 3.90
CA HIS B 24 -8.37 -8.85 3.04
C HIS B 24 -8.38 -7.54 3.84
N VAL B 25 -8.91 -7.59 5.07
CA VAL B 25 -8.93 -6.43 5.96
C VAL B 25 -7.49 -6.04 6.28
N ARG B 26 -6.64 -7.03 6.55
CA ARG B 26 -5.22 -6.76 6.82
C ARG B 26 -4.53 -6.16 5.61
N LYS B 27 -4.89 -6.64 4.42
CA LYS B 27 -4.33 -6.14 3.16
C LYS B 27 -4.71 -4.67 2.96
N ARG B 28 -5.97 -4.35 3.25
CA ARG B 28 -6.46 -2.98 3.19
C ARG B 28 -5.64 -2.05 4.07
N LEU B 29 -5.31 -2.51 5.26
CA LEU B 29 -4.53 -1.73 6.21
C LEU B 29 -3.09 -1.56 5.75
N ALA B 30 -2.53 -2.59 5.13
CA ALA B 30 -1.21 -2.52 4.53
C ALA B 30 -1.20 -1.52 3.38
N ASP B 31 -2.28 -1.52 2.60
CA ASP B 31 -2.48 -0.56 1.51
C ASP B 31 -2.53 0.88 2.02
N GLN B 32 -2.99 1.04 3.26
CA GLN B 32 -3.09 2.35 3.91
C GLN B 32 -1.78 2.77 4.57
N GLU B 33 -0.73 1.99 4.37
CA GLU B 33 0.59 2.23 4.97
C GLU B 33 0.57 2.19 6.50
N LEU B 34 -0.22 1.27 7.06
CA LEU B 34 -0.33 1.12 8.52
C LEU B 34 0.45 -0.07 9.09
N GLY B 35 1.02 -0.91 8.22
CA GLY B 35 1.68 -2.13 8.68
C GLY B 35 3.17 -1.94 8.92
N ASP B 36 3.69 -2.53 9.99
CA ASP B 36 5.14 -2.61 10.17
C ASP B 36 5.71 -3.85 9.46
N ALA B 37 7.01 -4.07 9.55
CA ALA B 37 7.63 -5.17 8.79
C ALA B 37 7.10 -6.57 9.14
N PRO B 38 7.01 -6.91 10.45
CA PRO B 38 6.41 -8.21 10.77
C PRO B 38 4.96 -8.36 10.29
N PHE B 39 4.18 -7.28 10.37
CA PHE B 39 2.78 -7.29 9.91
C PHE B 39 2.73 -7.63 8.42
N LEU B 40 3.60 -6.99 7.64
CA LEU B 40 3.71 -7.25 6.21
C LEU B 40 4.22 -8.67 5.93
N ASP B 41 5.22 -9.13 6.67
CA ASP B 41 5.67 -10.52 6.56
C ASP B 41 4.51 -11.49 6.80
N ARG B 42 3.74 -11.26 7.84
CA ARG B 42 2.62 -12.16 8.16
C ARG B 42 1.58 -12.16 7.05
N LEU B 43 1.32 -10.98 6.49
CA LEU B 43 0.35 -10.85 5.42
C LEU B 43 0.76 -11.69 4.22
N ARG B 44 2.05 -11.60 3.87
CA ARG B 44 2.58 -12.28 2.71
C ARG B 44 2.62 -13.79 2.92
N ARG B 45 3.10 -14.23 4.07
CA ARG B 45 3.15 -15.66 4.40
C ARG B 45 1.73 -16.25 4.49
N ASP B 46 0.80 -15.49 5.05
CA ASP B 46 -0.57 -15.98 5.21
C ASP B 46 -1.31 -16.11 3.88
N GLN B 47 -1.00 -15.24 2.92
CA GLN B 47 -1.59 -15.33 1.60
C GLN B 47 -1.25 -16.69 0.97
N LYS B 48 -0.01 -17.13 1.14
CA LYS B 48 0.43 -18.45 0.68
C LYS B 48 -0.31 -19.59 1.39
N SER B 49 -0.50 -19.46 2.70
CA SER B 49 -1.22 -20.49 3.47
C SER B 49 -2.70 -20.55 3.07
N LEU B 50 -3.35 -19.39 2.92
CA LEU B 50 -4.74 -19.36 2.47
C LEU B 50 -4.94 -19.95 1.09
N ARG B 51 -3.97 -19.73 0.20
CA ARG B 51 -4.02 -20.31 -1.15
C ARG B 51 -3.89 -21.84 -1.07
N GLY B 52 -3.05 -22.30 -0.15
CA GLY B 52 -2.93 -23.74 0.13
C GLY B 52 -4.23 -24.30 0.69
N ARG B 53 -4.80 -23.63 1.68
CA ARG B 53 -6.06 -24.09 2.28
C ARG B 53 -7.18 -24.14 1.23
N GLY B 54 -7.24 -23.11 0.37
CA GLY B 54 -8.20 -23.06 -0.73
C GLY B 54 -8.08 -24.26 -1.65
N ASN B 55 -6.85 -24.66 -1.96
CA ASN B 55 -6.60 -25.87 -2.76
C ASN B 55 -7.05 -27.15 -2.06
N THR B 56 -6.69 -27.29 -0.79
CA THR B 56 -7.07 -28.45 0.01
C THR B 56 -8.59 -28.60 0.04
N LEU B 57 -9.31 -27.49 0.18
CA LEU B 57 -10.77 -27.50 0.34
C LEU B 57 -11.53 -27.45 -0.99
N GLY B 58 -10.83 -27.05 -2.05
CA GLY B 58 -11.44 -26.88 -3.37
C GLY B 58 -12.33 -25.65 -3.45
N LEU B 59 -11.95 -24.61 -2.72
CA LEU B 59 -12.76 -23.39 -2.63
C LEU B 59 -12.00 -22.18 -3.17
N ASP B 60 -12.72 -21.38 -3.96
CA ASP B 60 -12.20 -20.13 -4.51
C ASP B 60 -12.06 -19.05 -3.42
N ILE B 61 -10.90 -18.40 -3.37
CA ILE B 61 -10.62 -17.38 -2.35
C ILE B 61 -11.51 -16.12 -2.47
N GLU B 62 -11.73 -15.66 -3.69
CA GLU B 62 -12.60 -14.50 -3.95
C GLU B 62 -14.00 -14.71 -3.36
N THR B 63 -14.60 -15.86 -3.68
CA THR B 63 -15.93 -16.24 -3.19
C THR B 63 -15.94 -16.41 -1.67
N ALA B 64 -14.94 -17.10 -1.14
CA ALA B 64 -14.82 -17.31 0.31
C ALA B 64 -14.65 -15.99 1.06
N THR B 65 -13.97 -15.03 0.44
CA THR B 65 -13.77 -13.70 1.01
C THR B 65 -15.10 -12.97 1.18
N ARG B 66 -15.97 -13.04 0.17
CA ARG B 66 -17.28 -12.39 0.24
C ARG B 66 -18.16 -13.03 1.32
N ALA B 67 -18.09 -14.36 1.41
CA ALA B 67 -18.83 -15.11 2.44
C ALA B 67 -18.32 -14.73 3.81
N GLY B 68 -17.01 -14.57 3.93
CA GLY B 68 -16.35 -14.15 5.17
C GLY B 68 -16.82 -12.78 5.64
N LYS B 69 -17.02 -11.85 4.70
CA LYS B 69 -17.50 -10.51 5.02
C LYS B 69 -18.86 -10.60 5.71
N GLN B 70 -19.71 -11.48 5.16
CA GLN B 70 -21.07 -11.67 5.69
C GLN B 70 -21.03 -12.26 7.09
N ILE B 71 -20.18 -13.26 7.30
CA ILE B 71 -20.06 -13.88 8.62
C ILE B 71 -19.61 -12.85 9.67
N VAL B 72 -18.54 -12.13 9.34
CA VAL B 72 -17.98 -11.08 10.22
C VAL B 72 -18.98 -9.97 10.55
N GLU B 73 -19.67 -9.43 9.54
CA GLU B 73 -20.68 -8.40 9.83
C GLU B 73 -21.81 -8.98 10.70
N ARG B 74 -22.17 -10.24 10.48
CA ARG B 74 -23.20 -10.90 11.29
C ARG B 74 -22.75 -11.14 12.75
N ILE B 75 -21.52 -11.56 12.95
CA ILE B 75 -21.04 -11.81 14.33
C ILE B 75 -20.67 -10.52 15.09
N LEU B 76 -20.51 -9.42 14.36
CA LEU B 76 -20.28 -8.12 14.99
C LEU B 76 -21.50 -7.21 14.98
N GLU B 77 -22.64 -7.73 14.51
CA GLU B 77 -23.82 -6.88 14.30
C GLU B 77 -24.36 -6.18 15.55
N GLU B 78 -24.05 -6.71 16.73
CA GLU B 78 -24.55 -6.13 17.97
C GLU B 78 -23.51 -5.23 18.66
N GLU B 79 -22.37 -5.05 18.01
CA GLU B 79 -21.24 -4.30 18.58
C GLU B 79 -21.02 -2.96 17.89
N GLY C 7 -8.78 -6.68 -23.44
CA GLY C 7 -9.83 -5.99 -22.65
C GLY C 7 -9.39 -4.62 -22.21
N MET C 8 -8.10 -4.52 -21.88
CA MET C 8 -7.51 -3.33 -21.28
C MET C 8 -6.41 -2.77 -22.18
N ASP C 9 -6.45 -1.46 -22.42
CA ASP C 9 -5.35 -0.76 -23.09
C ASP C 9 -4.03 -1.08 -22.39
N PRO C 10 -3.07 -1.75 -23.10
CA PRO C 10 -1.76 -2.09 -22.50
C PRO C 10 -1.03 -0.89 -21.88
N ASN C 11 -1.21 0.28 -22.50
CA ASN C 11 -0.55 1.47 -22.01
C ASN C 11 -1.06 1.93 -20.64
N THR C 12 -2.28 1.53 -20.27
CA THR C 12 -2.80 1.89 -18.95
C THR C 12 -1.99 1.23 -17.85
N VAL C 13 -1.63 -0.03 -18.06
CA VAL C 13 -0.85 -0.78 -17.07
C VAL C 13 0.59 -0.26 -16.97
N SER C 14 1.26 -0.10 -18.11
CA SER C 14 2.61 0.49 -18.13
C SER C 14 2.62 1.89 -17.51
N SER C 15 1.60 2.68 -17.81
CA SER C 15 1.48 4.03 -17.25
C SER C 15 1.37 4.03 -15.72
N PHE C 16 0.56 3.11 -15.19
CA PHE C 16 0.38 2.95 -13.75
C PHE C 16 1.66 2.49 -13.07
N GLN C 17 2.32 1.49 -13.66
CA GLN C 17 3.58 0.99 -13.11
C GLN C 17 4.66 2.09 -13.03
N VAL C 18 4.81 2.84 -14.12
CA VAL C 18 5.76 3.97 -14.13
C VAL C 18 5.36 4.99 -13.06
N ASP C 19 4.09 5.38 -13.04
CA ASP C 19 3.61 6.36 -12.03
C ASP C 19 3.85 5.89 -10.59
N CYS C 20 3.67 4.60 -10.33
CA CYS C 20 3.89 4.06 -8.99
C CYS C 20 5.36 4.19 -8.59
N PHE C 21 6.24 3.78 -9.50
CA PHE C 21 7.66 3.86 -9.19
C PHE C 21 8.11 5.30 -9.02
N LEU C 22 7.59 6.21 -9.83
CA LEU C 22 7.95 7.62 -9.68
C LEU C 22 7.46 8.22 -8.36
N TRP C 23 6.27 7.80 -7.89
CA TRP C 23 5.80 8.18 -6.56
C TRP C 23 6.75 7.68 -5.47
N HIS C 24 7.20 6.43 -5.60
CA HIS C 24 8.19 5.88 -4.69
C HIS C 24 9.47 6.74 -4.65
N VAL C 25 9.95 7.17 -5.83
CA VAL C 25 11.14 8.02 -5.89
C VAL C 25 10.88 9.33 -5.15
N ARG C 26 9.71 9.89 -5.36
CA ARG C 26 9.30 11.15 -4.71
C ARG C 26 9.16 10.96 -3.20
N LYS C 27 8.58 9.83 -2.79
CA LYS C 27 8.46 9.49 -1.36
C LYS C 27 9.84 9.41 -0.73
N ARG C 28 10.80 8.81 -1.44
CA ARG C 28 12.17 8.73 -0.96
C ARG C 28 12.85 10.10 -0.85
N LEU C 29 12.55 11.00 -1.78
CA LEU C 29 13.05 12.37 -1.69
C LEU C 29 12.54 13.05 -0.43
N ALA C 30 11.25 12.87 -0.14
CA ALA C 30 10.64 13.37 1.09
C ALA C 30 11.34 12.80 2.33
N ASP C 31 11.56 11.47 2.35
CA ASP C 31 12.27 10.81 3.46
C ASP C 31 13.70 11.34 3.63
N GLN C 32 14.32 11.75 2.53
CA GLN C 32 15.68 12.28 2.54
C GLN C 32 15.70 13.77 2.84
N GLU C 33 14.52 14.30 3.18
CA GLU C 33 14.34 15.68 3.63
C GLU C 33 14.72 16.73 2.56
N LEU C 34 14.41 16.40 1.31
CA LEU C 34 14.73 17.27 0.18
C LEU C 34 13.49 17.78 -0.57
N GLY C 35 12.30 17.47 -0.04
CA GLY C 35 11.04 17.98 -0.59
C GLY C 35 10.59 19.27 0.06
N ASP C 36 10.10 20.22 -0.73
CA ASP C 36 9.50 21.43 -0.15
C ASP C 36 8.01 21.23 0.15
N ALA C 37 7.35 22.22 0.75
CA ALA C 37 5.94 22.05 1.18
C ALA C 37 4.96 21.65 0.05
N PRO C 38 4.97 22.36 -1.11
CA PRO C 38 4.11 21.91 -2.23
C PRO C 38 4.44 20.50 -2.75
N PHE C 39 5.74 20.17 -2.80
CA PHE C 39 6.17 18.82 -3.19
C PHE C 39 5.52 17.77 -2.30
N LEU C 40 5.47 18.02 -0.99
CA LEU C 40 4.83 17.08 -0.06
C LEU C 40 3.31 17.04 -0.25
N ASP C 41 2.70 18.21 -0.47
CA ASP C 41 1.26 18.28 -0.81
C ASP C 41 0.96 17.41 -2.02
N ARG C 42 1.79 17.51 -3.05
CA ARG C 42 1.64 16.72 -4.28
C ARG C 42 1.80 15.22 -4.01
N LEU C 43 2.78 14.88 -3.18
CA LEU C 43 3.01 13.49 -2.77
C LEU C 43 1.76 12.91 -2.09
N ARG C 44 1.18 13.66 -1.17
CA ARG C 44 0.04 13.18 -0.41
C ARG C 44 -1.17 13.02 -1.31
N ARG C 45 -1.39 14.03 -2.16
CA ARG C 45 -2.46 14.02 -3.16
C ARG C 45 -2.35 12.82 -4.12
N ASP C 46 -1.15 12.60 -4.67
CA ASP C 46 -0.96 11.55 -5.66
C ASP C 46 -1.05 10.15 -5.08
N GLN C 47 -0.71 9.99 -3.80
CA GLN C 47 -0.85 8.69 -3.16
C GLN C 47 -2.30 8.20 -3.18
N LYS C 48 -3.25 9.11 -2.93
CA LYS C 48 -4.67 8.79 -2.97
C LYS C 48 -5.10 8.44 -4.40
N SER C 49 -4.65 9.24 -5.35
CA SER C 49 -4.94 9.05 -6.77
C SER C 49 -4.46 7.66 -7.21
N LEU C 50 -3.22 7.34 -6.84
CA LEU C 50 -2.60 6.07 -7.19
C LEU C 50 -3.33 4.87 -6.58
N ARG C 51 -3.74 4.97 -5.32
CA ARG C 51 -4.49 3.85 -4.74
C ARG C 51 -5.83 3.65 -5.42
N GLY C 52 -6.42 4.76 -5.88
CA GLY C 52 -7.66 4.70 -6.68
C GLY C 52 -7.47 4.00 -8.01
N ARG C 53 -6.41 4.35 -8.73
CA ARG C 53 -6.06 3.75 -10.02
C ARG C 53 -5.73 2.28 -9.85
N GLY C 54 -4.95 1.95 -8.81
CA GLY C 54 -4.64 0.55 -8.48
C GLY C 54 -5.88 -0.26 -8.22
N ASN C 55 -6.80 0.32 -7.45
CA ASN C 55 -8.05 -0.34 -7.10
C ASN C 55 -8.89 -0.64 -8.33
N THR C 56 -8.92 0.31 -9.28
CA THR C 56 -9.66 0.11 -10.51
C THR C 56 -9.01 -1.02 -11.32
N LEU C 57 -7.68 -1.00 -11.38
CA LEU C 57 -6.90 -1.96 -12.16
C LEU C 57 -6.71 -3.31 -11.48
N GLY C 58 -7.11 -3.43 -10.22
CA GLY C 58 -6.84 -4.64 -9.43
C GLY C 58 -5.34 -4.93 -9.38
N LEU C 59 -4.57 -3.86 -9.19
CA LEU C 59 -3.12 -3.97 -9.14
C LEU C 59 -2.57 -3.43 -7.84
N ASP C 60 -1.81 -4.29 -7.17
CA ASP C 60 -1.09 -3.98 -5.95
C ASP C 60 -0.02 -2.91 -6.25
N ILE C 61 -0.02 -1.82 -5.48
CA ILE C 61 0.96 -0.74 -5.70
C ILE C 61 2.40 -1.22 -5.54
N GLU C 62 2.68 -2.02 -4.50
CA GLU C 62 4.03 -2.53 -4.27
C GLU C 62 4.49 -3.35 -5.47
N THR C 63 3.60 -4.20 -5.98
CA THR C 63 3.88 -5.00 -7.17
C THR C 63 4.12 -4.11 -8.39
N ALA C 64 3.22 -3.15 -8.62
CA ALA C 64 3.35 -2.23 -9.78
C ALA C 64 4.58 -1.34 -9.70
N THR C 65 4.95 -0.94 -8.48
CA THR C 65 6.17 -0.17 -8.20
C THR C 65 7.42 -0.95 -8.66
N ARG C 66 7.48 -2.23 -8.31
CA ARG C 66 8.61 -3.09 -8.71
C ARG C 66 8.67 -3.24 -10.23
N ALA C 67 7.50 -3.31 -10.88
CA ALA C 67 7.45 -3.38 -12.35
C ALA C 67 7.89 -2.06 -12.97
N GLY C 68 7.42 -0.96 -12.39
CA GLY C 68 7.80 0.38 -12.83
C GLY C 68 9.29 0.63 -12.69
N LYS C 69 9.89 0.06 -11.64
CA LYS C 69 11.34 0.12 -11.41
C LYS C 69 12.11 -0.41 -12.61
N GLN C 70 11.68 -1.58 -13.10
CA GLN C 70 12.32 -2.19 -14.28
C GLN C 70 12.17 -1.33 -15.54
N ILE C 71 10.96 -0.77 -15.74
CA ILE C 71 10.72 0.12 -16.87
C ILE C 71 11.62 1.35 -16.81
N VAL C 72 11.59 2.05 -15.69
CA VAL C 72 12.39 3.27 -15.47
C VAL C 72 13.89 2.99 -15.51
N GLU C 73 14.32 1.87 -14.92
CA GLU C 73 15.74 1.48 -14.95
C GLU C 73 16.29 1.44 -16.36
N ARG C 74 15.46 0.98 -17.32
CA ARG C 74 15.83 0.95 -18.73
C ARG C 74 16.04 2.34 -19.33
N ILE C 75 15.24 3.31 -18.88
CA ILE C 75 15.42 4.70 -19.28
C ILE C 75 16.67 5.29 -18.61
N LEU C 76 16.85 4.98 -17.33
CA LEU C 76 18.03 5.42 -16.57
C LEU C 76 19.34 4.94 -17.20
N GLU C 77 19.32 3.75 -17.80
CA GLU C 77 20.49 3.17 -18.47
C GLU C 77 20.89 3.91 -19.76
N GLU C 78 20.05 4.87 -20.18
CA GLU C 78 20.25 5.64 -21.42
C GLU C 78 19.90 4.78 -22.62
N MET D 8 10.60 25.59 1.63
CA MET D 8 11.77 24.95 2.29
C MET D 8 13.04 25.27 1.51
N ASP D 9 13.17 26.54 1.13
CA ASP D 9 14.18 27.13 0.22
C ASP D 9 15.11 26.21 -0.60
N PRO D 10 16.20 25.68 0.02
CA PRO D 10 17.07 24.81 -0.77
C PRO D 10 16.28 23.64 -1.35
N ASN D 11 15.32 23.13 -0.57
CA ASN D 11 14.47 22.04 -1.01
C ASN D 11 13.58 22.38 -2.20
N THR D 12 13.29 23.66 -2.40
CA THR D 12 12.53 24.09 -3.57
C THR D 12 13.32 23.79 -4.85
N VAL D 13 14.64 24.01 -4.80
CA VAL D 13 15.53 23.72 -5.94
C VAL D 13 15.61 22.22 -6.19
N SER D 14 15.85 21.45 -5.12
CA SER D 14 15.94 19.99 -5.20
C SER D 14 14.65 19.39 -5.74
N SER D 15 13.51 19.86 -5.23
CA SER D 15 12.20 19.39 -5.68
C SER D 15 12.00 19.68 -7.17
N PHE D 16 12.30 20.90 -7.59
CA PHE D 16 12.23 21.25 -9.02
C PHE D 16 13.12 20.35 -9.88
N GLN D 17 14.37 20.15 -9.47
CA GLN D 17 15.31 19.32 -10.24
C GLN D 17 14.80 17.90 -10.44
N VAL D 18 14.32 17.30 -9.35
CA VAL D 18 13.74 15.96 -9.37
C VAL D 18 12.47 15.91 -10.24
N ASP D 19 11.56 16.85 -10.05
CA ASP D 19 10.33 16.93 -10.87
C ASP D 19 10.67 17.05 -12.36
N CYS D 20 11.70 17.83 -12.70
CA CYS D 20 12.15 17.96 -14.08
C CYS D 20 12.62 16.60 -14.61
N PHE D 21 13.42 15.90 -13.81
CA PHE D 21 13.93 14.62 -14.24
C PHE D 21 12.83 13.58 -14.40
N LEU D 22 11.91 13.56 -13.43
CA LEU D 22 10.78 12.63 -13.50
C LEU D 22 9.88 12.93 -14.69
N TRP D 23 9.72 14.21 -15.04
CA TRP D 23 9.02 14.58 -16.27
C TRP D 23 9.73 14.02 -17.51
N HIS D 24 11.07 14.11 -17.52
CA HIS D 24 11.86 13.58 -18.63
C HIS D 24 11.66 12.07 -18.78
N VAL D 25 11.69 11.36 -17.66
CA VAL D 25 11.44 9.92 -17.62
C VAL D 25 10.08 9.61 -18.25
N ARG D 26 9.05 10.35 -17.85
CA ARG D 26 7.71 10.17 -18.43
C ARG D 26 7.67 10.50 -19.92
N LYS D 27 8.42 11.53 -20.32
CA LYS D 27 8.50 11.91 -21.73
C LYS D 27 9.12 10.79 -22.57
N ARG D 28 10.17 10.16 -22.02
CA ARG D 28 10.78 8.99 -22.66
C ARG D 28 9.79 7.85 -22.80
N LEU D 29 8.92 7.65 -21.82
CA LEU D 29 7.87 6.62 -21.92
C LEU D 29 6.88 6.97 -23.04
N ALA D 30 6.42 8.23 -23.05
CA ALA D 30 5.58 8.73 -24.14
C ALA D 30 6.23 8.47 -25.52
N ASP D 31 7.49 8.88 -25.65
CA ASP D 31 8.29 8.70 -26.87
C ASP D 31 8.24 7.26 -27.41
N GLN D 32 8.18 6.29 -26.50
CA GLN D 32 8.15 4.88 -26.87
C GLN D 32 6.72 4.34 -27.10
N GLU D 33 5.73 5.23 -27.03
CA GLU D 33 4.32 4.87 -27.19
C GLU D 33 3.77 3.99 -26.07
N LEU D 34 4.29 4.18 -24.86
CA LEU D 34 3.88 3.36 -23.72
C LEU D 34 2.98 4.07 -22.69
N GLY D 35 2.59 5.31 -23.00
CA GLY D 35 1.69 6.05 -22.12
C GLY D 35 0.26 6.10 -22.64
N ASP D 36 -0.73 5.96 -21.76
CA ASP D 36 -2.13 6.07 -22.20
C ASP D 36 -2.56 7.54 -22.32
N ALA D 37 -3.80 7.79 -22.73
CA ALA D 37 -4.24 9.18 -22.93
C ALA D 37 -4.10 10.08 -21.69
N PRO D 38 -4.62 9.65 -20.51
CA PRO D 38 -4.46 10.51 -19.33
C PRO D 38 -3.00 10.76 -18.97
N PHE D 39 -2.15 9.75 -19.13
CA PHE D 39 -0.72 9.89 -18.88
C PHE D 39 -0.14 10.99 -19.78
N LEU D 40 -0.54 11.00 -21.05
CA LEU D 40 -0.10 12.03 -21.99
C LEU D 40 -0.63 13.41 -21.62
N ASP D 41 -1.89 13.48 -21.17
CA ASP D 41 -2.51 14.72 -20.69
C ASP D 41 -1.71 15.31 -19.52
N ARG D 42 -1.35 14.45 -18.56
CA ARG D 42 -0.57 14.89 -17.39
C ARG D 42 0.78 15.44 -17.83
N LEU D 43 1.42 14.75 -18.77
CA LEU D 43 2.71 15.19 -19.32
C LEU D 43 2.64 16.60 -19.91
N ARG D 44 1.59 16.85 -20.69
CA ARG D 44 1.39 18.16 -21.30
C ARG D 44 1.17 19.26 -20.25
N ARG D 45 0.21 19.03 -19.34
CA ARG D 45 -0.07 19.99 -18.26
C ARG D 45 1.16 20.23 -17.39
N ASP D 46 1.88 19.16 -17.05
CA ASP D 46 3.06 19.27 -16.19
C ASP D 46 4.21 20.06 -16.82
N GLN D 47 4.34 19.98 -18.13
CA GLN D 47 5.36 20.77 -18.83
C GLN D 47 5.12 22.27 -18.63
N LYS D 48 3.85 22.68 -18.71
CA LYS D 48 3.50 24.07 -18.45
C LYS D 48 3.82 24.48 -17.00
N SER D 49 3.51 23.60 -16.05
CA SER D 49 3.77 23.88 -14.64
C SER D 49 5.26 24.04 -14.37
N LEU D 50 6.05 23.13 -14.96
CA LEU D 50 7.50 23.15 -14.82
C LEU D 50 8.13 24.41 -15.44
N ARG D 51 7.57 24.86 -16.56
CA ARG D 51 8.04 26.10 -17.17
C ARG D 51 7.82 27.31 -16.28
N GLY D 52 6.65 27.40 -15.69
CA GLY D 52 6.34 28.48 -14.74
C GLY D 52 7.27 28.43 -13.55
N ARG D 53 7.44 27.24 -12.98
CA ARG D 53 8.31 27.04 -11.83
C ARG D 53 9.77 27.38 -12.14
N GLY D 54 10.23 26.95 -13.31
CA GLY D 54 11.58 27.28 -13.80
C GLY D 54 11.78 28.78 -13.92
N ASN D 55 10.77 29.46 -14.48
CA ASN D 55 10.82 30.91 -14.61
C ASN D 55 10.95 31.60 -13.27
N THR D 56 10.13 31.18 -12.31
CA THR D 56 10.21 31.70 -10.94
C THR D 56 11.60 31.50 -10.35
N LEU D 57 12.17 30.32 -10.56
CA LEU D 57 13.48 29.98 -9.98
C LEU D 57 14.68 30.50 -10.78
N GLY D 58 14.44 30.88 -12.03
CA GLY D 58 15.52 31.27 -12.94
C GLY D 58 16.39 30.08 -13.31
N LEU D 59 15.78 28.89 -13.31
CA LEU D 59 16.50 27.65 -13.63
C LEU D 59 15.93 27.00 -14.88
N ASP D 60 16.76 26.80 -15.89
CA ASP D 60 16.29 26.14 -17.11
C ASP D 60 16.04 24.66 -16.86
N ILE D 61 15.03 24.13 -17.54
CA ILE D 61 14.59 22.76 -17.34
C ILE D 61 15.67 21.75 -17.70
N GLU D 62 16.40 22.03 -18.77
CA GLU D 62 17.43 21.10 -19.28
C GLU D 62 18.54 20.84 -18.25
N THR D 63 19.10 21.91 -17.68
CA THR D 63 20.09 21.82 -16.62
C THR D 63 19.50 21.19 -15.33
N ALA D 64 18.30 21.61 -14.95
CA ALA D 64 17.64 21.06 -13.77
C ALA D 64 17.38 19.55 -13.91
N THR D 65 17.06 19.13 -15.12
CA THR D 65 16.83 17.70 -15.44
C THR D 65 18.10 16.87 -15.16
N ARG D 66 19.23 17.35 -15.65
CA ARG D 66 20.52 16.70 -15.43
C ARG D 66 20.81 16.58 -13.93
N ALA D 67 20.56 17.65 -13.18
CA ALA D 67 20.75 17.66 -11.73
C ALA D 67 19.79 16.70 -11.05
N GLY D 68 18.55 16.65 -11.53
CA GLY D 68 17.54 15.73 -11.03
C GLY D 68 17.94 14.27 -11.14
N LYS D 69 18.56 13.93 -12.27
CA LYS D 69 19.02 12.56 -12.53
C LYS D 69 20.02 12.12 -11.46
N GLN D 70 20.97 13.01 -11.16
CA GLN D 70 21.96 12.76 -10.13
C GLN D 70 21.31 12.53 -8.76
N ILE D 71 20.34 13.36 -8.39
CA ILE D 71 19.63 13.21 -7.12
C ILE D 71 18.88 11.87 -7.03
N VAL D 72 18.15 11.55 -8.10
CA VAL D 72 17.39 10.30 -8.15
C VAL D 72 18.33 9.09 -8.09
N GLU D 73 19.44 9.15 -8.82
CA GLU D 73 20.43 8.08 -8.81
C GLU D 73 20.93 7.82 -7.39
N ARG D 74 21.22 8.90 -6.65
CA ARG D 74 21.69 8.80 -5.26
C ARG D 74 20.59 8.24 -4.34
N ILE D 75 19.36 8.71 -4.54
CA ILE D 75 18.18 8.19 -3.83
C ILE D 75 18.05 6.68 -3.99
N LEU D 76 18.23 6.21 -5.22
CA LEU D 76 18.03 4.79 -5.52
C LEU D 76 19.12 3.87 -4.95
N GLU D 77 20.29 4.42 -4.67
CA GLU D 77 21.35 3.68 -4.00
C GLU D 77 20.97 3.29 -2.57
N GLU D 78 19.97 3.96 -2.02
CA GLU D 78 19.57 3.74 -0.63
C GLU D 78 18.61 2.56 -0.46
N GLU D 79 18.44 1.76 -1.53
CA GLU D 79 17.52 0.59 -1.52
C GLU D 79 18.17 -0.67 -0.95
N GLY E . -8.83 6.05 15.41
CA GLY E . -7.44 5.49 15.32
C GLY E . -7.07 4.68 16.56
O GLY E . -7.91 3.98 17.12
OXT GLY E . -5.94 4.74 17.05
N GLY F . -9.15 -18.27 26.20
CA GLY F . -9.17 -17.67 24.83
C GLY F . -8.76 -18.65 23.75
O GLY F . -7.80 -19.40 23.90
OXT GLY F . -9.38 -18.71 22.68
C1 SIN G . -0.17 -12.37 16.08
O1 SIN G . 0.68 -12.08 16.95
O2 SIN G . 0.05 -13.35 15.32
C2 SIN G . -1.43 -11.54 15.93
C3 SIN G . -2.63 -12.39 15.50
C4 SIN G . -3.94 -11.70 15.83
O3 SIN G . -4.69 -11.22 14.94
O4 SIN G . -4.32 -11.59 17.00
C1 SIN H . -3.49 -20.08 8.39
O1 SIN H . -3.58 -21.07 9.12
O2 SIN H . -3.76 -20.19 7.17
C2 SIN H . -3.07 -18.75 8.97
C3 SIN H . -3.16 -17.71 7.86
C4 SIN H . -4.44 -16.92 7.97
O3 SIN H . -4.51 -15.80 7.40
O4 SIN H . -5.42 -17.34 8.61
N GLY I . -2.28 9.49 -10.32
CA GLY I . -1.72 10.80 -10.76
C GLY I . -0.21 10.83 -10.68
O GLY I . 0.46 9.79 -10.67
OXT GLY I . 0.39 11.91 -10.65
N GLY J . 4.21 21.04 -10.79
CA GLY J . 4.81 20.25 -11.89
C GLY J . 4.64 18.74 -11.73
O GLY J . 5.46 17.96 -12.21
OXT GLY J . 3.67 18.27 -11.12
#